data_6RG9
#
_entry.id   6RG9
#
_cell.length_a   63.253
_cell.length_b   75.003
_cell.length_c   119.269
_cell.angle_alpha   90.000
_cell.angle_beta   90.000
_cell.angle_gamma   90.000
#
_symmetry.space_group_name_H-M   'I 2 2 2'
#
loop_
_entity.id
_entity.type
_entity.pdbx_description
1 polymer 'NAD kinase 1'
2 non-polymer (2~{R},3~{R},4~{S},5~{R})-2-[8-[3-[[(2~{R},3~{S},4~{R},5~{R})-5-(6-aminopurin-9-yl)-3,4-bis(oxidanyl)oxolan-2-yl]methoxy]prop-1-ynyl]-6-azanyl-purin-9-yl]-5-(hydroxymethyl)oxolane-3,4-diol
3 non-polymer 'CITRIC ACID'
4 water water
#
_entity_poly.entity_id   1
_entity_poly.type   'polypeptide(L)'
_entity_poly.pdbx_seq_one_letter_code
;MKYMITSKGDEKSDLLRLNMIAGFGEYDMEYDDVEPEIVISIGGDGTFLSAFHQYEERLDEIAFIGIHTGHLGFYADWRP
AEADKLVKLLAKGEYQKVSYPLLKTTVKYGIGKKEATYLALNESTVKSSGGPFVVDVVINDIHFERFRGDGLCMSTPSGT
TAYNKSLGGALMHPSIEAMQLTEMASINNRVYRTIGSPLVFPKHHVVSLQPVNDKDFQISVDHLSILHRDVQEIRYEVSA
KKIHFARFRSFPFWRRVHDSFIEDLEHHHHHH
;
_entity_poly.pdbx_strand_id   A
#
loop_
_chem_comp.id
_chem_comp.type
_chem_comp.name
_chem_comp.formula
CIT non-polymer 'CITRIC ACID' 'C6 H8 O7'
K3K non-polymer (2~{R},3~{R},4~{S},5~{R})-2-[8-[3-[[(2~{R},3~{S},4~{R},5~{R})-5-(6-aminopurin-9-yl)-3,4-bis(oxidanyl)oxolan-2-yl]methoxy]prop-1-ynyl]-6-azanyl-purin-9-yl]-5-(hydroxymethyl)oxolane-3,4-diol 'C23 H26 N10 O8'
#
# COMPACT_ATOMS: atom_id res chain seq x y z
N MET A 1 26.54 6.64 -0.11
CA MET A 1 25.48 6.77 0.87
C MET A 1 25.20 5.43 1.55
N LYS A 2 24.47 5.47 2.66
CA LYS A 2 24.07 4.25 3.35
C LYS A 2 22.90 3.59 2.61
N TYR A 3 22.95 2.27 2.52
CA TYR A 3 21.95 1.53 1.75
C TYR A 3 21.77 0.14 2.35
N MET A 4 20.70 -0.53 1.92
CA MET A 4 20.48 -1.93 2.27
C MET A 4 19.69 -2.58 1.15
N ILE A 5 19.73 -3.91 1.11
CA ILE A 5 19.07 -4.69 0.08
C ILE A 5 18.32 -5.84 0.75
N THR A 6 17.03 -5.94 0.48
CA THR A 6 16.22 -7.07 0.93
C THR A 6 15.93 -7.99 -0.24
N SER A 7 15.76 -9.28 0.05
CA SER A 7 15.60 -10.28 -0.99
C SER A 7 14.34 -11.10 -0.76
N LYS A 8 13.78 -11.61 -1.86
CA LYS A 8 12.64 -12.52 -1.78
C LYS A 8 12.99 -13.79 -1.03
N GLY A 9 14.27 -14.18 -1.03
CA GLY A 9 14.72 -15.34 -0.30
C GLY A 9 15.03 -16.55 -1.17
N ASP A 10 14.68 -16.51 -2.45
CA ASP A 10 14.94 -17.62 -3.35
C ASP A 10 16.35 -17.48 -3.95
N GLU A 11 16.75 -18.49 -4.73
CA GLU A 11 18.11 -18.53 -5.24
C GLU A 11 18.39 -17.35 -6.17
N LYS A 12 17.43 -16.99 -7.02
CA LYS A 12 17.65 -15.93 -7.99
C LYS A 12 17.86 -14.59 -7.30
N SER A 13 17.03 -14.27 -6.30
CA SER A 13 17.09 -12.96 -5.67
C SER A 13 18.27 -12.82 -4.70
N ASP A 14 18.68 -13.92 -4.05
CA ASP A 14 19.78 -13.83 -3.11
C ASP A 14 21.11 -13.56 -3.82
N LEU A 15 21.37 -14.28 -4.91
CA LEU A 15 22.64 -14.09 -5.60
C LEU A 15 22.68 -12.81 -6.40
N LEU A 16 21.52 -12.31 -6.84
CA LEU A 16 21.51 -10.97 -7.42
C LEU A 16 21.80 -9.92 -6.35
N ARG A 17 21.34 -10.16 -5.11
CA ARG A 17 21.66 -9.26 -4.01
C ARG A 17 23.15 -9.25 -3.71
N LEU A 18 23.78 -10.43 -3.66
CA LEU A 18 25.21 -10.48 -3.35
C LEU A 18 26.05 -9.79 -4.43
N ASN A 19 25.63 -9.89 -5.69
CA ASN A 19 26.40 -9.25 -6.76
C ASN A 19 26.27 -7.73 -6.73
N MET A 20 25.10 -7.21 -6.32
CA MET A 20 24.97 -5.77 -6.22
C MET A 20 25.78 -5.22 -5.05
N ILE A 21 25.81 -5.96 -3.93
CA ILE A 21 26.64 -5.57 -2.80
C ILE A 21 28.11 -5.53 -3.20
N ALA A 22 28.56 -6.54 -3.96
CA ALA A 22 29.93 -6.52 -4.46
C ALA A 22 30.16 -5.33 -5.37
N GLY A 23 29.22 -5.04 -6.27
CA GLY A 23 29.34 -3.85 -7.09
C GLY A 23 29.35 -2.57 -6.28
N PHE A 24 28.54 -2.52 -5.21
CA PHE A 24 28.53 -1.36 -4.33
C PHE A 24 29.84 -1.23 -3.56
N GLY A 25 30.52 -2.34 -3.30
CA GLY A 25 31.81 -2.30 -2.62
C GLY A 25 32.90 -1.60 -3.40
N GLU A 26 32.68 -1.33 -4.68
CA GLU A 26 33.62 -0.61 -5.52
C GLU A 26 33.35 0.89 -5.55
N TYR A 27 32.46 1.39 -4.69
CA TYR A 27 32.13 2.81 -4.62
C TYR A 27 32.09 3.24 -3.16
N ASP A 28 31.78 4.52 -2.94
CA ASP A 28 31.62 5.05 -1.59
C ASP A 28 30.19 4.75 -1.14
N MET A 29 29.97 3.49 -0.79
CA MET A 29 28.67 3.01 -0.33
C MET A 29 28.88 2.18 0.94
N GLU A 30 28.06 2.43 1.95
CA GLU A 30 28.12 1.69 3.21
C GLU A 30 26.82 0.91 3.38
N TYR A 31 26.91 -0.41 3.48
CA TYR A 31 25.73 -1.23 3.74
C TYR A 31 25.29 -1.02 5.18
N ASP A 32 24.12 -0.42 5.37
CA ASP A 32 23.58 -0.15 6.71
C ASP A 32 22.08 -0.38 6.66
N ASP A 33 21.61 -1.42 7.32
CA ASP A 33 20.18 -1.73 7.36
C ASP A 33 19.49 -1.15 8.59
N VAL A 34 20.18 -0.30 9.36
CA VAL A 34 19.57 0.40 10.48
C VAL A 34 19.10 1.79 10.07
N GLU A 35 19.96 2.57 9.41
CA GLU A 35 19.63 3.90 8.92
C GLU A 35 20.07 4.02 7.47
N PRO A 36 19.39 3.32 6.56
CA PRO A 36 19.74 3.43 5.13
C PRO A 36 19.19 4.70 4.53
N GLU A 37 19.90 5.20 3.52
CA GLU A 37 19.37 6.25 2.65
C GLU A 37 18.64 5.68 1.45
N ILE A 38 19.03 4.48 1.01
CA ILE A 38 18.45 3.83 -0.16
C ILE A 38 18.08 2.40 0.23
N VAL A 39 16.85 2.01 -0.10
CA VAL A 39 16.36 0.66 0.18
C VAL A 39 16.03 0.01 -1.16
N ILE A 40 16.75 -1.07 -1.49
CA ILE A 40 16.53 -1.80 -2.72
C ILE A 40 15.83 -3.09 -2.40
N SER A 41 14.73 -3.36 -3.11
CA SER A 41 13.92 -4.56 -2.92
C SER A 41 14.06 -5.44 -4.14
N ILE A 42 14.53 -6.67 -3.94
CA ILE A 42 14.78 -7.61 -5.04
C ILE A 42 13.79 -8.76 -4.89
N GLY A 43 12.78 -8.80 -5.76
CA GLY A 43 11.78 -9.84 -5.72
C GLY A 43 10.48 -9.45 -6.39
N GLY A 44 9.39 -9.40 -5.63
CA GLY A 44 8.10 -9.05 -6.18
C GLY A 44 7.45 -7.89 -5.46
N ASP A 45 6.16 -7.65 -5.73
CA ASP A 45 5.47 -6.56 -5.05
C ASP A 45 5.31 -6.85 -3.57
N GLY A 46 5.05 -8.11 -3.21
CA GLY A 46 4.95 -8.47 -1.80
C GLY A 46 6.27 -8.28 -1.07
N THR A 47 7.38 -8.56 -1.75
CA THR A 47 8.69 -8.27 -1.18
C THR A 47 8.88 -6.77 -0.99
N PHE A 48 8.36 -5.97 -1.93
CA PHE A 48 8.46 -4.52 -1.80
C PHE A 48 7.61 -4.01 -0.65
N LEU A 49 6.37 -4.51 -0.53
CA LEU A 49 5.51 -4.09 0.58
C LEU A 49 6.15 -4.42 1.92
N SER A 50 6.86 -5.56 2.01
CA SER A 50 7.58 -5.88 3.24
C SER A 50 8.68 -4.87 3.49
N ALA A 51 9.42 -4.48 2.45
CA ALA A 51 10.49 -3.51 2.62
C ALA A 51 9.95 -2.17 3.09
N PHE A 52 8.78 -1.77 2.59
CA PHE A 52 8.19 -0.50 2.99
C PHE A 52 7.84 -0.49 4.47
N HIS A 53 7.18 -1.54 4.95
CA HIS A 53 6.80 -1.58 6.36
C HIS A 53 8.01 -1.81 7.27
N GLN A 54 9.11 -2.34 6.71
CA GLN A 54 10.34 -2.47 7.49
C GLN A 54 10.84 -1.12 7.96
N TYR A 55 10.66 -0.07 7.17
CA TYR A 55 11.25 1.23 7.43
C TYR A 55 10.19 2.33 7.40
N GLU A 56 8.98 2.02 7.85
CA GLU A 56 7.91 3.02 7.85
C GLU A 56 8.15 4.13 8.86
N GLU A 57 9.12 3.98 9.76
CA GLU A 57 9.44 5.03 10.72
C GLU A 57 10.42 6.05 10.18
N ARG A 58 11.06 5.77 9.04
CA ARG A 58 12.02 6.68 8.42
C ARG A 58 11.72 6.85 6.94
N LEU A 59 10.47 7.23 6.63
CA LEU A 59 10.05 7.33 5.23
C LEU A 59 10.63 8.56 4.56
N ASP A 60 10.80 9.66 5.29
CA ASP A 60 11.26 10.90 4.68
C ASP A 60 12.76 10.93 4.46
N GLU A 61 13.50 9.94 4.95
CA GLU A 61 14.94 9.85 4.74
C GLU A 61 15.33 8.74 3.76
N ILE A 62 14.37 8.04 3.17
CA ILE A 62 14.64 6.83 2.39
C ILE A 62 14.01 6.96 1.01
N ALA A 63 14.76 6.57 -0.01
CA ALA A 63 14.25 6.43 -1.37
C ALA A 63 14.26 4.96 -1.75
N PHE A 64 13.11 4.44 -2.16
CA PHE A 64 12.95 3.02 -2.44
C PHE A 64 13.19 2.72 -3.92
N ILE A 65 13.77 1.57 -4.19
CA ILE A 65 13.97 1.06 -5.55
C ILE A 65 13.57 -0.40 -5.56
N GLY A 66 12.82 -0.82 -6.59
CA GLY A 66 12.40 -2.20 -6.68
C GLY A 66 12.89 -2.90 -7.94
N ILE A 67 13.43 -4.10 -7.78
CA ILE A 67 13.90 -4.93 -8.88
C ILE A 67 13.05 -6.19 -8.91
N HIS A 68 12.45 -6.47 -10.06
CA HIS A 68 11.52 -7.60 -10.18
C HIS A 68 12.27 -8.79 -10.75
N THR A 69 12.48 -9.81 -9.91
CA THR A 69 13.12 -11.03 -10.39
C THR A 69 12.13 -11.96 -11.06
N GLY A 70 10.90 -12.00 -10.55
CA GLY A 70 9.83 -12.72 -11.22
C GLY A 70 9.25 -11.91 -12.36
N HIS A 71 7.92 -11.81 -12.42
CA HIS A 71 7.29 -10.97 -13.43
C HIS A 71 7.49 -9.50 -13.09
N LEU A 72 6.89 -8.63 -13.90
CA LEU A 72 6.93 -7.21 -13.66
C LEU A 72 5.99 -6.83 -12.53
N GLY A 73 6.48 -6.08 -11.55
CA GLY A 73 5.68 -5.58 -10.47
C GLY A 73 5.43 -4.09 -10.59
N PHE A 74 4.36 -3.60 -9.98
CA PHE A 74 4.05 -2.18 -10.09
C PHE A 74 5.01 -1.32 -9.29
N TYR A 75 5.52 -1.86 -8.18
CA TYR A 75 6.53 -1.17 -7.38
C TYR A 75 7.95 -1.59 -7.74
N ALA A 76 8.15 -2.85 -8.12
CA ALA A 76 9.47 -3.32 -8.58
C ALA A 76 9.51 -3.20 -10.08
N ASP A 77 9.97 -2.04 -10.56
CA ASP A 77 10.03 -1.80 -12.00
C ASP A 77 11.46 -1.60 -12.50
N TRP A 78 12.32 -2.58 -12.23
CA TRP A 78 13.66 -2.65 -12.81
C TRP A 78 13.95 -4.11 -13.14
N ARG A 79 14.54 -4.37 -14.31
CA ARG A 79 14.82 -5.75 -14.63
C ARG A 79 16.16 -6.20 -14.04
N PRO A 80 16.32 -7.50 -13.76
CA PRO A 80 17.57 -7.97 -13.17
C PRO A 80 18.80 -7.70 -14.04
N ALA A 81 18.67 -7.82 -15.36
CA ALA A 81 19.80 -7.59 -16.25
C ALA A 81 20.28 -6.15 -16.22
N GLU A 82 19.51 -5.23 -15.64
CA GLU A 82 19.89 -3.84 -15.51
C GLU A 82 20.41 -3.51 -14.13
N ALA A 83 20.89 -4.51 -13.39
CA ALA A 83 21.32 -4.28 -12.01
C ALA A 83 22.64 -3.52 -11.95
N ASP A 84 23.60 -3.90 -12.79
CA ASP A 84 24.90 -3.23 -12.75
C ASP A 84 24.79 -1.77 -13.20
N LYS A 85 23.96 -1.51 -14.22
CA LYS A 85 23.71 -0.13 -14.61
C LYS A 85 23.00 0.64 -13.50
N LEU A 86 22.26 -0.06 -12.64
CA LEU A 86 21.60 0.58 -11.52
C LEU A 86 22.58 0.94 -10.42
N VAL A 87 23.56 0.07 -10.18
CA VAL A 87 24.59 0.33 -9.16
C VAL A 87 25.35 1.61 -9.49
N LYS A 88 25.75 1.76 -10.76
CA LYS A 88 26.54 2.92 -11.16
C LYS A 88 25.79 4.22 -10.94
N LEU A 89 24.56 4.31 -11.46
CA LEU A 89 23.81 5.55 -11.39
C LEU A 89 23.51 5.95 -9.96
N LEU A 90 23.31 4.97 -9.08
CA LEU A 90 23.12 5.24 -7.65
C LEU A 90 24.35 5.91 -7.05
N TYR A 95 20.02 11.45 -9.74
CA TYR A 95 18.64 11.01 -9.89
C TYR A 95 17.66 11.97 -9.22
N GLN A 96 16.38 11.79 -9.51
CA GLN A 96 15.31 12.56 -8.90
C GLN A 96 14.44 11.66 -8.05
N LYS A 97 13.66 12.27 -7.16
CA LYS A 97 12.73 11.56 -6.30
C LYS A 97 11.30 11.87 -6.71
N VAL A 98 10.45 10.83 -6.69
CA VAL A 98 9.01 11.00 -6.88
C VAL A 98 8.31 10.44 -5.64
N SER A 99 7.18 11.04 -5.31
CA SER A 99 6.45 10.71 -4.09
C SER A 99 5.03 10.26 -4.42
N TYR A 100 4.59 9.19 -3.76
CA TYR A 100 3.24 8.66 -3.83
C TYR A 100 2.53 8.86 -2.50
N PRO A 101 1.23 9.17 -2.52
CA PRO A 101 0.48 9.33 -1.27
C PRO A 101 0.28 8.00 -0.55
N LEU A 102 -0.04 8.11 0.74
CA LEU A 102 -0.27 6.95 1.58
C LEU A 102 -1.57 7.12 2.34
N LEU A 103 -2.06 6.01 2.89
CA LEU A 103 -3.31 5.96 3.63
C LEU A 103 -3.02 5.78 5.11
N LYS A 104 -3.60 6.62 5.95
CA LYS A 104 -3.47 6.51 7.40
C LYS A 104 -4.74 5.88 7.96
N THR A 105 -4.56 4.85 8.78
CA THR A 105 -5.67 4.13 9.40
C THR A 105 -5.55 4.26 10.92
N THR A 106 -6.64 4.67 11.57
CA THR A 106 -6.69 4.79 13.01
C THR A 106 -7.77 3.86 13.55
N VAL A 107 -7.39 3.00 14.50
CA VAL A 107 -8.30 2.06 15.12
C VAL A 107 -8.41 2.44 16.59
N LYS A 108 -9.64 2.71 17.04
CA LYS A 108 -9.91 3.05 18.42
C LYS A 108 -10.65 1.89 19.09
N TYR A 109 -10.28 1.61 20.33
CA TYR A 109 -10.91 0.56 21.11
C TYR A 109 -11.69 1.17 22.27
N GLY A 110 -12.79 0.52 22.63
CA GLY A 110 -13.46 0.87 23.87
C GLY A 110 -12.54 0.68 25.06
N ILE A 111 -12.73 1.51 26.08
CA ILE A 111 -11.89 1.50 27.27
C ILE A 111 -10.45 1.80 26.89
N LYS A 114 -7.03 2.50 23.98
CA LYS A 114 -5.74 2.95 23.46
C LYS A 114 -5.70 2.88 21.95
N GLU A 115 -5.52 4.02 21.30
CA GLU A 115 -5.51 4.10 19.84
C GLU A 115 -4.40 3.22 19.26
N ALA A 116 -4.55 2.93 17.96
CA ALA A 116 -3.52 2.27 17.19
C ALA A 116 -3.61 2.80 15.77
N THR A 117 -2.48 3.29 15.25
CA THR A 117 -2.42 3.86 13.91
C THR A 117 -1.58 2.96 13.01
N TYR A 118 -1.87 3.02 11.71
CA TYR A 118 -1.16 2.23 10.72
C TYR A 118 -1.00 3.03 9.44
N LEU A 119 -0.04 2.62 8.63
CA LEU A 119 0.25 3.27 7.36
C LEU A 119 0.20 2.23 6.26
N ALA A 120 -0.53 2.52 5.18
CA ALA A 120 -0.74 1.56 4.11
C ALA A 120 -0.22 2.11 2.78
N LEU A 121 0.44 1.25 2.01
CA LEU A 121 0.89 1.57 0.66
C LEU A 121 -0.08 1.08 -0.41
N ASN A 122 -0.75 -0.04 -0.18
CA ASN A 122 -1.77 -0.53 -1.10
C ASN A 122 -3.15 -0.15 -0.58
N GLU A 123 -3.61 -0.81 0.48
CA GLU A 123 -4.96 -0.57 0.97
C GLU A 123 -5.09 -1.05 2.41
N SER A 124 -6.23 -0.71 3.00
CA SER A 124 -6.67 -1.24 4.27
C SER A 124 -8.10 -1.73 4.10
N THR A 125 -8.39 -2.92 4.61
CA THR A 125 -9.71 -3.51 4.45
C THR A 125 -10.25 -3.92 5.81
N VAL A 126 -11.58 -3.95 5.91
CA VAL A 126 -12.29 -4.36 7.13
C VAL A 126 -13.25 -5.48 6.75
N LYS A 127 -13.22 -6.57 7.51
CA LYS A 127 -14.14 -7.68 7.35
C LYS A 127 -14.58 -8.17 8.73
N SER A 128 -15.65 -8.94 8.76
CA SER A 128 -16.20 -9.43 10.02
C SER A 128 -15.33 -10.56 10.59
N SER A 129 -15.49 -10.78 11.89
CA SER A 129 -14.77 -11.82 12.62
C SER A 129 -15.39 -13.19 12.45
N GLY A 130 -16.29 -13.37 11.48
CA GLY A 130 -16.95 -14.64 11.29
C GLY A 130 -18.43 -14.49 11.03
N GLY A 131 -19.09 -13.65 11.81
CA GLY A 131 -20.50 -13.38 11.64
C GLY A 131 -20.75 -12.42 10.50
N PRO A 132 -21.94 -11.84 10.48
CA PRO A 132 -22.25 -10.84 9.44
C PRO A 132 -21.58 -9.51 9.71
N PHE A 133 -21.26 -8.81 8.62
CA PHE A 133 -20.55 -7.53 8.69
C PHE A 133 -21.54 -6.40 8.47
N VAL A 134 -21.74 -5.59 9.51
CA VAL A 134 -22.62 -4.42 9.46
C VAL A 134 -21.87 -3.26 10.11
N VAL A 135 -21.68 -2.17 9.35
CA VAL A 135 -21.07 -0.96 9.87
C VAL A 135 -21.81 0.24 9.32
N ASP A 136 -21.81 1.33 10.10
CA ASP A 136 -22.27 2.63 9.63
C ASP A 136 -21.09 3.41 9.06
N VAL A 137 -21.29 4.02 7.90
CA VAL A 137 -20.22 4.75 7.21
C VAL A 137 -20.46 6.23 7.42
N VAL A 138 -19.50 6.91 8.03
CA VAL A 138 -19.63 8.32 8.40
C VAL A 138 -18.56 9.11 7.66
N ILE A 139 -19.00 10.09 6.86
CA ILE A 139 -18.10 10.92 6.07
C ILE A 139 -18.11 12.33 6.66
N ASN A 140 -17.00 12.73 7.27
CA ASN A 140 -16.86 14.05 7.87
C ASN A 140 -18.00 14.34 8.85
N ASP A 141 -18.24 13.39 9.75
CA ASP A 141 -19.24 13.45 10.82
C ASP A 141 -20.68 13.40 10.33
N ILE A 142 -20.89 13.16 9.04
CA ILE A 142 -22.23 13.02 8.47
C ILE A 142 -22.45 11.55 8.12
N HIS A 143 -23.54 10.98 8.63
CA HIS A 143 -23.85 9.58 8.37
C HIS A 143 -24.22 9.40 6.90
N PHE A 144 -23.44 8.58 6.19
CA PHE A 144 -23.64 8.37 4.76
C PHE A 144 -24.47 7.14 4.45
N GLU A 145 -24.22 6.01 5.10
CA GLU A 145 -24.90 4.78 4.77
C GLU A 145 -24.63 3.75 5.87
N ARG A 146 -25.45 2.71 5.89
CA ARG A 146 -25.23 1.54 6.73
C ARG A 146 -24.91 0.37 5.81
N PHE A 147 -23.69 -0.16 5.92
CA PHE A 147 -23.19 -1.15 4.98
C PHE A 147 -23.41 -2.56 5.54
N ARG A 148 -24.08 -3.40 4.75
CA ARG A 148 -24.19 -4.82 5.03
C ARG A 148 -23.59 -5.56 3.85
N GLY A 149 -22.58 -6.39 4.13
CA GLY A 149 -21.90 -7.10 3.07
C GLY A 149 -20.72 -7.87 3.64
N ASP A 150 -19.75 -8.13 2.76
CA ASP A 150 -18.56 -8.87 3.15
C ASP A 150 -17.47 -7.99 3.72
N GLY A 151 -17.32 -6.76 3.24
CA GLY A 151 -16.29 -5.88 3.76
C GLY A 151 -16.16 -4.63 2.91
N LEU A 152 -15.21 -3.78 3.32
CA LEU A 152 -14.89 -2.55 2.62
C LEU A 152 -13.38 -2.42 2.45
N CYS A 153 -12.98 -1.70 1.41
CA CYS A 153 -11.57 -1.56 1.05
C CYS A 153 -11.26 -0.09 0.78
N MET A 154 -10.22 0.43 1.45
CA MET A 154 -9.76 1.80 1.25
C MET A 154 -8.35 1.77 0.68
N SER A 155 -8.19 2.32 -0.52
CA SER A 155 -7.01 2.14 -1.35
C SER A 155 -6.29 3.46 -1.57
N THR A 156 -4.96 3.39 -1.63
CA THR A 156 -4.14 4.51 -2.08
C THR A 156 -4.22 4.60 -3.60
N PRO A 157 -3.69 5.67 -4.18
CA PRO A 157 -3.63 5.69 -5.67
C PRO A 157 -2.83 4.55 -6.26
N SER A 158 -1.60 4.31 -5.80
CA SER A 158 -0.81 3.20 -6.33
C SER A 158 -1.42 1.84 -5.98
N GLY A 159 -2.29 1.79 -4.96
CA GLY A 159 -2.98 0.55 -4.63
C GLY A 159 -4.23 0.29 -5.46
N THR A 160 -4.67 1.26 -6.27
CA THR A 160 -5.89 1.09 -7.04
C THR A 160 -5.78 -0.02 -8.07
N THR A 161 -4.56 -0.40 -8.46
CA THR A 161 -4.35 -1.52 -9.37
C THR A 161 -4.30 -2.86 -8.67
N ALA A 162 -4.47 -2.90 -7.36
CA ALA A 162 -4.33 -4.12 -6.57
C ALA A 162 -5.73 -4.59 -6.15
N TYR A 163 -5.99 -4.85 -4.87
CA TYR A 163 -7.30 -5.30 -4.42
C TYR A 163 -8.42 -4.40 -4.96
N ASN A 164 -8.22 -3.09 -4.89
CA ASN A 164 -9.20 -2.13 -5.40
C ASN A 164 -9.67 -2.47 -6.81
N LYS A 165 -8.74 -2.84 -7.70
CA LYS A 165 -9.10 -3.10 -9.08
C LYS A 165 -10.00 -4.33 -9.20
N SER A 166 -9.74 -5.35 -8.37
CA SER A 166 -10.56 -6.55 -8.42
C SER A 166 -11.97 -6.32 -7.91
N LEU A 167 -12.19 -5.25 -7.14
CA LEU A 167 -13.50 -4.95 -6.57
C LEU A 167 -14.29 -3.95 -7.39
N GLY A 168 -13.84 -3.66 -8.61
CA GLY A 168 -14.53 -2.72 -9.48
C GLY A 168 -14.12 -1.27 -9.33
N GLY A 169 -13.04 -0.97 -8.59
CA GLY A 169 -12.65 0.42 -8.40
C GLY A 169 -11.96 1.01 -9.62
N ALA A 170 -11.85 2.34 -9.61
CA ALA A 170 -11.19 3.04 -10.70
C ALA A 170 -9.68 3.01 -10.50
N LEU A 171 -8.95 3.10 -11.62
CA LEU A 171 -7.49 3.25 -11.58
C LEU A 171 -7.15 4.73 -11.53
N MET A 172 -6.28 5.11 -10.60
CA MET A 172 -6.09 6.50 -10.20
C MET A 172 -4.60 6.83 -10.28
N HIS A 173 -4.26 7.89 -11.02
CA HIS A 173 -2.86 8.25 -11.17
C HIS A 173 -2.28 8.68 -9.82
N PRO A 174 -1.06 8.23 -9.48
CA PRO A 174 -0.53 8.48 -8.13
C PRO A 174 -0.16 9.93 -7.84
N SER A 175 -0.26 10.84 -8.81
CA SER A 175 -0.06 12.24 -8.49
C SER A 175 -1.27 12.87 -7.81
N ILE A 176 -2.38 12.15 -7.73
CA ILE A 176 -3.60 12.64 -7.09
C ILE A 176 -3.59 12.20 -5.63
N GLU A 177 -3.54 13.17 -4.72
CA GLU A 177 -3.56 12.89 -3.28
C GLU A 177 -5.00 12.57 -2.89
N ALA A 178 -5.30 11.28 -2.78
CA ALA A 178 -6.68 10.85 -2.58
C ALA A 178 -6.69 9.42 -2.04
N MET A 179 -7.89 8.94 -1.73
CA MET A 179 -8.13 7.56 -1.32
C MET A 179 -9.48 7.12 -1.87
N GLN A 180 -9.61 5.82 -2.15
CA GLN A 180 -10.80 5.29 -2.82
C GLN A 180 -11.39 4.15 -2.01
N LEU A 181 -12.71 4.20 -1.79
CA LEU A 181 -13.43 3.20 -1.01
C LEU A 181 -14.27 2.35 -1.95
N THR A 182 -14.09 1.04 -1.91
CA THR A 182 -14.85 0.09 -2.71
C THR A 182 -15.58 -0.88 -1.78
N GLU A 183 -16.69 -1.41 -2.26
CA GLU A 183 -17.53 -2.35 -1.51
C GLU A 183 -17.19 -3.79 -1.88
N MET A 184 -17.31 -4.69 -0.91
CA MET A 184 -17.18 -6.13 -1.12
C MET A 184 -18.54 -6.79 -0.93
N ALA A 185 -19.27 -7.00 -2.03
CA ALA A 185 -20.51 -7.77 -2.02
C ALA A 185 -21.53 -7.20 -1.05
N SER A 186 -21.97 -5.98 -1.32
CA SER A 186 -22.98 -5.35 -0.48
C SER A 186 -24.35 -5.95 -0.75
N ILE A 187 -25.18 -5.98 0.29
CA ILE A 187 -26.56 -6.37 0.16
C ILE A 187 -27.37 -5.14 -0.22
N ASN A 188 -28.25 -5.28 -1.21
CA ASN A 188 -29.11 -4.19 -1.64
C ASN A 188 -30.49 -4.76 -1.97
N ASN A 189 -31.49 -4.39 -1.16
CA ASN A 189 -32.86 -4.79 -1.42
C ASN A 189 -33.81 -3.71 -0.93
N ARG A 190 -35.02 -4.11 -0.54
CA ARG A 190 -36.02 -3.13 -0.16
C ARG A 190 -35.69 -2.44 1.17
N VAL A 191 -34.81 -3.02 1.98
CA VAL A 191 -34.60 -2.52 3.33
C VAL A 191 -33.14 -2.12 3.53
N TYR A 192 -32.23 -2.78 2.81
CA TYR A 192 -30.80 -2.49 2.87
C TYR A 192 -30.36 -1.75 1.61
N ARG A 193 -29.57 -0.70 1.79
CA ARG A 193 -29.22 0.19 0.68
C ARG A 193 -27.85 0.80 0.89
N THR A 194 -26.96 0.60 -0.09
CA THR A 194 -25.64 1.22 -0.14
C THR A 194 -25.48 1.96 -1.46
N ILE A 195 -24.43 2.78 -1.55
CA ILE A 195 -24.22 3.59 -2.75
C ILE A 195 -23.83 2.73 -3.94
N GLY A 196 -23.14 1.61 -3.71
CA GLY A 196 -22.82 0.68 -4.78
C GLY A 196 -21.78 1.16 -5.77
N SER A 197 -21.25 2.36 -5.60
CA SER A 197 -20.21 2.91 -6.46
C SER A 197 -18.95 3.16 -5.64
N PRO A 198 -17.77 3.05 -6.25
CA PRO A 198 -16.55 3.47 -5.54
C PRO A 198 -16.62 4.95 -5.25
N LEU A 199 -16.05 5.34 -4.10
CA LEU A 199 -16.00 6.73 -3.67
C LEU A 199 -14.55 7.16 -3.57
N VAL A 200 -14.23 8.32 -4.13
CA VAL A 200 -12.87 8.87 -4.16
C VAL A 200 -12.87 10.13 -3.30
N PHE A 201 -12.03 10.13 -2.26
CA PHE A 201 -11.99 11.19 -1.27
C PHE A 201 -10.69 11.99 -1.38
N PRO A 202 -10.74 13.32 -1.18
CA PRO A 202 -9.51 14.11 -1.24
C PRO A 202 -8.81 14.19 0.11
N LYS A 203 -7.73 14.96 0.19
CA LYS A 203 -7.07 15.19 1.47
C LYS A 203 -8.03 15.85 2.46
N HIS A 204 -7.79 15.58 3.74
CA HIS A 204 -8.50 16.16 4.89
C HIS A 204 -9.93 15.66 5.03
N HIS A 205 -10.40 14.79 4.14
CA HIS A 205 -11.66 14.10 4.35
C HIS A 205 -11.42 12.87 5.20
N VAL A 206 -12.25 12.69 6.22
CA VAL A 206 -12.13 11.60 7.17
C VAL A 206 -13.33 10.68 7.00
N VAL A 207 -13.07 9.41 6.68
CA VAL A 207 -14.11 8.39 6.59
C VAL A 207 -14.01 7.52 7.83
N SER A 208 -15.12 7.43 8.57
CA SER A 208 -15.17 6.66 9.81
C SER A 208 -16.14 5.50 9.65
N LEU A 209 -15.73 4.33 10.15
CA LEU A 209 -16.55 3.12 10.14
C LEU A 209 -16.89 2.76 11.58
N GLN A 210 -18.18 2.66 11.88
CA GLN A 210 -18.64 2.45 13.24
C GLN A 210 -19.51 1.19 13.31
N PRO A 211 -19.28 0.33 14.29
CA PRO A 211 -20.02 -0.94 14.35
C PRO A 211 -21.47 -0.74 14.77
N VAL A 212 -22.32 -1.64 14.30
CA VAL A 212 -23.74 -1.62 14.62
C VAL A 212 -24.08 -2.64 15.71
N ASN A 213 -23.52 -3.84 15.62
CA ASN A 213 -23.74 -4.85 16.65
C ASN A 213 -22.42 -5.50 17.05
N ASP A 214 -21.96 -6.48 16.29
CA ASP A 214 -20.66 -7.10 16.57
C ASP A 214 -19.55 -6.06 16.46
N LYS A 215 -18.59 -6.14 17.37
CA LYS A 215 -17.50 -5.17 17.44
C LYS A 215 -16.14 -5.81 17.23
N ASP A 216 -16.09 -7.04 16.73
CA ASP A 216 -14.85 -7.71 16.36
C ASP A 216 -14.72 -7.71 14.84
N PHE A 217 -13.55 -7.32 14.35
CA PHE A 217 -13.33 -7.18 12.92
C PHE A 217 -11.95 -7.69 12.54
N GLN A 218 -11.87 -8.27 11.35
CA GLN A 218 -10.60 -8.62 10.73
C GLN A 218 -10.14 -7.42 9.91
N ILE A 219 -9.06 -6.76 10.36
CA ILE A 219 -8.58 -5.54 9.73
C ILE A 219 -7.22 -5.82 9.08
N SER A 220 -7.12 -5.53 7.78
CA SER A 220 -5.90 -5.73 7.03
C SER A 220 -5.27 -4.39 6.68
N VAL A 221 -3.93 -4.39 6.60
CA VAL A 221 -3.15 -3.27 6.10
C VAL A 221 -2.08 -3.88 5.21
N ASP A 222 -2.26 -3.77 3.89
CA ASP A 222 -1.38 -4.42 2.91
C ASP A 222 -1.42 -5.91 3.19
N HIS A 223 -0.28 -6.56 3.44
CA HIS A 223 -0.26 -8.01 3.62
C HIS A 223 -0.60 -8.43 5.05
N LEU A 224 -0.58 -7.51 6.00
CA LEU A 224 -0.86 -7.84 7.39
C LEU A 224 -2.37 -7.86 7.62
N SER A 225 -2.83 -8.80 8.44
CA SER A 225 -4.23 -8.92 8.79
C SER A 225 -4.33 -9.40 10.22
N ILE A 226 -4.97 -8.60 11.08
CA ILE A 226 -5.07 -8.88 12.51
C ILE A 226 -6.53 -8.79 12.92
N LEU A 227 -6.95 -9.70 13.80
CA LEU A 227 -8.30 -9.65 14.38
C LEU A 227 -8.31 -8.64 15.53
N HIS A 228 -9.10 -7.59 15.37
CA HIS A 228 -9.22 -6.55 16.40
C HIS A 228 -10.52 -6.72 17.16
N ARG A 229 -10.45 -6.57 18.49
CA ARG A 229 -11.57 -6.79 19.37
C ARG A 229 -11.90 -5.50 20.13
N ASP A 230 -13.17 -5.39 20.53
CA ASP A 230 -13.67 -4.22 21.26
C ASP A 230 -13.40 -2.93 20.47
N VAL A 231 -13.63 -2.98 19.16
CA VAL A 231 -13.40 -1.84 18.30
C VAL A 231 -14.59 -0.89 18.39
N GLN A 232 -14.30 0.41 18.48
CA GLN A 232 -15.32 1.44 18.48
C GLN A 232 -15.38 2.24 17.19
N GLU A 233 -14.27 2.35 16.46
CA GLU A 233 -14.22 3.19 15.28
C GLU A 233 -12.98 2.84 14.47
N ILE A 234 -13.09 3.01 13.15
CA ILE A 234 -11.97 2.86 12.23
C ILE A 234 -11.97 4.09 11.33
N ARG A 235 -10.93 4.91 11.44
CA ARG A 235 -10.84 6.17 10.71
C ARG A 235 -9.83 6.07 9.58
N TYR A 236 -10.22 6.53 8.39
CA TYR A 236 -9.36 6.57 7.21
C TYR A 236 -9.18 8.02 6.76
N GLU A 237 -7.98 8.35 6.31
CA GLU A 237 -7.68 9.64 5.72
C GLU A 237 -6.36 9.56 5.00
N VAL A 238 -6.20 10.43 3.99
CA VAL A 238 -4.94 10.51 3.27
C VAL A 238 -3.86 10.95 4.25
N SER A 239 -2.80 10.15 4.36
CA SER A 239 -1.73 10.44 5.30
C SER A 239 -0.98 11.68 4.90
N ALA A 240 -0.35 12.32 5.89
CA ALA A 240 0.59 13.40 5.60
C ALA A 240 1.95 12.87 5.16
N LYS A 241 2.26 11.62 5.46
CA LYS A 241 3.52 11.01 5.04
C LYS A 241 3.40 10.48 3.61
N LYS A 242 4.55 10.43 2.92
CA LYS A 242 4.60 9.96 1.55
C LYS A 242 5.78 9.01 1.38
N ILE A 243 5.64 8.07 0.44
CA ILE A 243 6.76 7.20 0.08
C ILE A 243 7.51 7.83 -1.08
N HIS A 244 8.84 7.84 -0.97
CA HIS A 244 9.71 8.44 -1.98
C HIS A 244 10.43 7.35 -2.75
N PHE A 245 10.36 7.41 -4.07
CA PHE A 245 11.06 6.49 -4.95
C PHE A 245 12.26 7.18 -5.59
N ALA A 246 13.32 6.41 -5.80
CA ALA A 246 14.44 6.85 -6.63
C ALA A 246 14.15 6.43 -8.07
N ARG A 247 14.07 7.41 -8.96
CA ARG A 247 13.79 7.16 -10.37
C ARG A 247 15.00 7.56 -11.20
N PHE A 248 15.37 6.71 -12.15
CA PHE A 248 16.51 6.96 -13.01
C PHE A 248 16.16 7.12 -14.48
N ARG A 249 14.91 6.83 -14.86
CA ARG A 249 14.46 6.99 -16.24
C ARG A 249 12.94 7.10 -16.22
N SER A 250 12.38 7.51 -17.36
CA SER A 250 10.94 7.69 -17.48
C SER A 250 10.25 6.34 -17.62
N PHE A 251 9.42 6.01 -16.64
CA PHE A 251 8.54 4.83 -16.72
C PHE A 251 7.17 5.27 -16.23
N PRO A 252 6.37 5.88 -17.10
CA PRO A 252 5.10 6.48 -16.65
C PRO A 252 4.15 5.46 -16.06
N PHE A 253 3.28 5.95 -15.17
CA PHE A 253 2.31 5.07 -14.51
C PHE A 253 1.39 4.40 -15.52
N TRP A 254 0.90 5.14 -16.50
CA TRP A 254 -0.03 4.56 -17.47
C TRP A 254 0.67 3.55 -18.38
N ARG A 255 1.95 3.76 -18.66
CA ARG A 255 2.73 2.73 -19.36
C ARG A 255 2.85 1.48 -18.51
N ARG A 256 3.13 1.64 -17.22
CA ARG A 256 3.26 0.49 -16.34
C ARG A 256 1.94 -0.26 -16.20
N VAL A 257 0.81 0.48 -16.19
CA VAL A 257 -0.50 -0.17 -16.21
C VAL A 257 -0.68 -0.95 -17.50
N HIS A 258 -0.26 -0.37 -18.63
CA HIS A 258 -0.40 -1.06 -19.92
C HIS A 258 0.39 -2.36 -19.94
N ASP A 259 1.64 -2.30 -19.48
CA ASP A 259 2.49 -3.49 -19.54
C ASP A 259 2.01 -4.58 -18.59
N SER A 260 1.31 -4.22 -17.52
CA SER A 260 0.88 -5.20 -16.54
C SER A 260 -0.48 -5.83 -16.86
N PHE A 261 -1.36 -5.09 -17.55
CA PHE A 261 -2.71 -5.58 -17.79
C PHE A 261 -3.06 -5.75 -19.26
N ILE A 262 -2.43 -5.00 -20.17
CA ILE A 262 -2.80 -5.05 -21.58
C ILE A 262 -1.88 -6.00 -22.34
N GLU A 263 -0.60 -5.67 -22.42
CA GLU A 263 0.37 -6.47 -23.17
C GLU A 263 1.77 -5.99 -22.84
N ASP A 264 2.73 -6.92 -22.90
CA ASP A 264 4.11 -6.61 -22.57
C ASP A 264 5.07 -7.42 -23.41
C2 K3K B . -0.80 -4.19 -8.86
C4 K3K B . -0.25 -5.54 -7.21
N1 K3K B . -0.67 -3.14 -8.11
C8 K3K B . 0.35 -6.21 -5.30
C6 K3K B . -0.27 -3.23 -6.88
N3 K3K B . -0.60 -5.37 -8.44
C5 K3K B . -0.07 -4.47 -6.38
N6 K3K B . -0.12 -2.15 -6.16
N7 K3K B . 0.29 -4.94 -5.24
C1' K3K B . -0.10 -7.90 -7.12
C1B K3K B . -7.70 -10.07 -4.28
C1P K3K B . -3.69 -7.91 -2.82
C2' K3K B . 0.99 -8.90 -6.87
C2P K3K B . -3.84 -6.65 -1.94
C3' K3K B . 0.23 -10.08 -7.32
C3B K3K B . -6.66 -8.82 -5.80
C3P K3K B . -2.78 -6.84 -0.89
C4' K3K B . -1.18 -9.69 -6.87
C4P K3K B . -1.78 -7.69 -1.68
C5' K3K B . -1.62 -10.63 -5.81
C5B K3K B . -5.73 -8.91 -3.78
C5P K3K B . -0.68 -8.42 -0.86
C6B K3K B . -6.72 -9.73 -3.40
C81 K3K B . 0.69 -6.98 -4.20
C82 K3K B . 0.97 -7.66 -3.30
C83 K3K B . 1.31 -8.57 -2.20
C8B K3K B . -5.39 -9.39 -1.79
N1B K3K B . -8.68 -10.81 -3.99
N2B K3K B . -7.62 -9.59 -5.49
N4B K3K B . -5.74 -8.50 -4.99
N7B K3K B . -6.48 -10.00 -2.16
N9 K3K B . 0.02 -6.58 -6.52
N9B K3K B . -4.90 -8.74 -2.80
O2' K3K B . 1.98 -8.74 -7.82
O2P K3K B . -3.64 -5.50 -2.67
O3' K3K B . 0.24 -10.05 -8.72
O3P K3K B . -2.21 -5.67 -0.41
O4' K3K B . -1.04 -8.44 -6.40
O4P K3K B . -2.64 -8.61 -2.25
O5' K3K B . -1.23 -10.25 -4.53
O5P K3K B . 0.17 -9.26 -1.59
C1 CIT C . 4.10 9.50 -14.52
O1 CIT C . 3.31 8.54 -14.39
O2 CIT C . 4.06 10.16 -15.59
C2 CIT C . 5.07 9.89 -13.43
C3 CIT C . 5.94 8.71 -12.99
O7 CIT C . 6.52 8.09 -14.16
C4 CIT C . 7.07 9.19 -12.08
C5 CIT C . 8.26 9.59 -12.91
O3 CIT C . 8.76 10.74 -12.77
O4 CIT C . 8.76 8.81 -13.74
C6 CIT C . 5.11 7.67 -12.26
O5 CIT C . 4.54 7.97 -11.19
O6 CIT C . 4.99 6.51 -12.72
#